data_4K60
#
_entry.id   4K60
#
_cell.length_a   74.615
_cell.length_b   74.615
_cell.length_c   49.738
_cell.angle_alpha   90.000
_cell.angle_beta   90.000
_cell.angle_gamma   90.000
#
_symmetry.space_group_name_H-M   'P 43'
#
loop_
_entity.id
_entity.type
_entity.pdbx_description
1 polymer Chymase
2 non-polymer 2-acetamido-2-deoxy-beta-D-glucopyranose
3 non-polymer 'ZINC ION'
4 non-polymer 6-bromo-1,3-dihydro-2H-indol-2-one
5 water water
#
_entity_poly.entity_id   1
_entity_poly.type   'polypeptide(L)'
_entity_poly.pdbx_seq_one_letter_code
;IIGGTECKPHSRPYMAYLEIVTSNGPSKFCGGFLIRRNFVLTAAHCAGRSITVTLGAHNITEEEDTWQKLEVIKQFRHPK
YNTSTLHHDIMLLKLKEKASLTLAVGTLPFPSQKNFVPPGRMCRVAGWGRTGVLKPGSDTLQEVKLRLMDPQACSHFRDF
DHNLQLCVGNPRKTKSAFKGDSGGPLLCAGAAQGIVSYGRSDAKPPAVFTRISHYQPWINQILQAN
;
_entity_poly.pdbx_strand_id   A
#
# COMPACT_ATOMS: atom_id res chain seq x y z
N ILE A 1 -3.60 10.02 2.20
CA ILE A 1 -3.29 10.02 3.63
C ILE A 1 -4.00 11.21 4.29
N ILE A 2 -4.84 10.92 5.28
CA ILE A 2 -5.56 11.97 6.00
C ILE A 2 -4.92 12.22 7.36
N GLY A 3 -4.60 13.48 7.65
CA GLY A 3 -4.06 13.85 8.94
C GLY A 3 -2.60 13.52 9.12
N GLY A 4 -1.88 13.38 8.00
CA GLY A 4 -0.48 13.05 8.05
C GLY A 4 0.38 14.26 7.77
N THR A 5 1.66 14.01 7.50
CA THR A 5 2.60 15.08 7.18
C THR A 5 3.37 14.71 5.93
N GLU A 6 3.90 15.70 5.25
CA GLU A 6 4.71 15.44 4.07
C GLU A 6 6.00 14.74 4.45
N CYS A 7 6.35 13.68 3.72
CA CYS A 7 7.62 13.00 3.95
C CYS A 7 8.78 13.87 3.50
N LYS A 8 9.93 13.70 4.14
CA LYS A 8 11.18 14.23 3.61
C LYS A 8 11.39 13.53 2.26
N PRO A 9 11.68 14.30 1.21
CA PRO A 9 11.73 13.66 -0.12
C PRO A 9 12.72 12.48 -0.16
N HIS A 10 12.26 11.34 -0.70
CA HIS A 10 13.08 10.15 -0.89
C HIS A 10 13.43 9.40 0.38
N SER A 11 12.75 9.73 1.49
CA SER A 11 13.06 9.08 2.77
C SER A 11 12.45 7.68 2.89
N ARG A 12 11.60 7.33 1.92
N ARG A 12 11.58 7.33 1.95
CA ARG A 12 10.98 6.02 1.87
CA ARG A 12 11.01 5.99 1.88
C ARG A 12 11.25 5.42 0.48
C ARG A 12 11.25 5.42 0.50
N PRO A 13 12.51 5.02 0.24
CA PRO A 13 12.91 4.74 -1.14
C PRO A 13 12.29 3.50 -1.79
N TYR A 14 11.58 2.71 -1.01
CA TYR A 14 10.86 1.55 -1.52
C TYR A 14 9.48 1.90 -2.05
N MET A 15 9.00 3.13 -1.85
CA MET A 15 7.63 3.46 -2.23
C MET A 15 7.43 3.49 -3.73
N ALA A 16 6.31 2.91 -4.17
CA ALA A 16 5.96 2.85 -5.58
C ALA A 16 4.63 3.55 -5.84
N TYR A 17 4.60 4.37 -6.89
CA TYR A 17 3.40 5.05 -7.34
C TYR A 17 2.90 4.31 -8.57
N LEU A 18 1.66 3.82 -8.52
CA LEU A 18 1.11 2.97 -9.57
C LEU A 18 0.04 3.71 -10.35
N GLU A 19 0.19 3.74 -11.67
CA GLU A 19 -0.87 4.22 -12.54
C GLU A 19 -1.47 3.01 -13.25
N ILE A 20 -2.77 2.82 -13.06
CA ILE A 20 -3.45 1.60 -13.51
C ILE A 20 -4.42 1.94 -14.63
N VAL A 21 -4.26 1.26 -15.76
CA VAL A 21 -5.09 1.45 -16.94
C VAL A 21 -6.17 0.39 -16.98
N THR A 22 -7.40 0.79 -17.32
CA THR A 22 -8.46 -0.16 -17.66
C THR A 22 -9.07 0.13 -19.02
N ASN A 24 -12.19 0.70 -19.88
CA ASN A 24 -13.50 1.33 -19.92
C ASN A 24 -13.59 2.57 -19.02
N GLY A 25 -12.44 3.10 -18.63
CA GLY A 25 -12.39 4.30 -17.80
C GLY A 25 -11.00 4.89 -17.81
N PRO A 26 -10.86 6.10 -17.24
CA PRO A 26 -9.55 6.75 -17.15
C PRO A 26 -8.65 6.05 -16.12
N SER A 27 -7.38 6.44 -16.09
CA SER A 27 -6.40 5.89 -15.17
C SER A 27 -6.84 5.98 -13.72
N LYS A 28 -6.47 4.99 -12.92
CA LYS A 28 -6.65 5.03 -11.47
C LYS A 28 -5.25 4.91 -10.85
N PHE A 29 -5.17 5.18 -9.55
CA PHE A 29 -3.87 5.23 -8.90
C PHE A 29 -3.83 4.48 -7.58
N CYS A 30 -2.68 3.89 -7.29
CA CYS A 30 -2.46 3.17 -6.03
C CYS A 30 -1.03 3.37 -5.57
N GLY A 31 -0.76 2.91 -4.34
CA GLY A 31 0.60 2.77 -3.88
C GLY A 31 1.05 1.33 -3.97
N GLY A 32 2.27 1.10 -3.52
CA GLY A 32 2.88 -0.21 -3.53
C GLY A 32 4.30 -0.07 -3.01
N PHE A 33 5.02 -1.18 -2.90
CA PHE A 33 6.38 -1.11 -2.37
C PHE A 33 7.29 -2.15 -2.99
N LEU A 34 8.51 -1.71 -3.27
CA LEU A 34 9.50 -2.56 -3.94
C LEU A 34 10.12 -3.56 -2.95
N ILE A 35 9.92 -4.85 -3.19
CA ILE A 35 10.47 -5.88 -2.30
C ILE A 35 11.60 -6.70 -2.92
N ARG A 36 11.69 -6.69 -4.25
CA ARG A 36 12.85 -7.20 -4.97
C ARG A 36 13.10 -6.19 -6.07
N ARG A 37 14.28 -6.20 -6.70
CA ARG A 37 14.52 -5.20 -7.76
C ARG A 37 13.51 -5.25 -8.90
N ASN A 38 12.88 -6.41 -9.11
CA ASN A 38 11.84 -6.52 -10.12
C ASN A 38 10.47 -6.93 -9.60
N PHE A 39 10.22 -6.76 -8.31
CA PHE A 39 8.88 -7.05 -7.78
C PHE A 39 8.36 -5.98 -6.85
N VAL A 40 7.12 -5.57 -7.10
CA VAL A 40 6.39 -4.61 -6.27
C VAL A 40 5.20 -5.30 -5.64
N LEU A 41 5.01 -5.11 -4.33
CA LEU A 41 3.86 -5.62 -3.61
C LEU A 41 2.78 -4.53 -3.51
N THR A 42 1.52 -4.91 -3.70
CA THR A 42 0.42 -3.95 -3.66
C THR A 42 -0.87 -4.69 -3.33
N ALA A 43 -2.01 -4.02 -3.50
CA ALA A 43 -3.32 -4.63 -3.23
C ALA A 43 -3.92 -5.21 -4.49
N ALA A 44 -4.67 -6.29 -4.32
CA ALA A 44 -5.34 -6.95 -5.44
C ALA A 44 -6.36 -6.05 -6.13
N HIS A 45 -6.99 -5.14 -5.38
CA HIS A 45 -8.00 -4.30 -6.01
C HIS A 45 -7.39 -3.22 -6.91
N CYS A 46 -6.07 -3.13 -6.93
CA CYS A 46 -5.35 -2.24 -7.84
C CYS A 46 -5.03 -2.87 -9.20
N ALA A 47 -5.51 -4.09 -9.42
CA ALA A 47 -5.28 -4.77 -10.71
C ALA A 47 -5.98 -4.01 -11.83
N GLY A 48 -5.42 -4.10 -13.03
CA GLY A 48 -6.02 -3.47 -14.19
C GLY A 48 -5.56 -4.16 -15.47
N ARG A 49 -5.84 -3.53 -16.61
CA ARG A 49 -5.41 -4.07 -17.89
C ARG A 49 -3.90 -3.94 -18.04
N SER A 50 -3.35 -2.83 -17.55
CA SER A 50 -1.90 -2.69 -17.46
C SER A 50 -1.54 -1.68 -16.40
N ILE A 51 -0.31 -1.75 -15.91
CA ILE A 51 0.14 -0.87 -14.83
C ILE A 51 1.53 -0.33 -15.12
N THR A 52 1.76 0.94 -14.77
CA THR A 52 3.11 1.51 -14.79
C THR A 52 3.50 1.88 -13.37
N VAL A 53 4.75 1.60 -13.02
CA VAL A 53 5.26 1.89 -11.70
C VAL A 53 6.26 3.04 -11.78
N THR A 54 6.11 4.05 -10.94
CA THR A 54 7.13 5.08 -10.82
C THR A 54 7.82 4.93 -9.46
N LEU A 55 9.13 4.69 -9.49
CA LEU A 55 9.94 4.66 -8.28
C LEU A 55 10.73 5.96 -8.19
N GLY A 56 11.17 6.30 -6.98
CA GLY A 56 12.00 7.47 -6.77
C GLY A 56 11.26 8.79 -6.74
N ALA A 57 9.94 8.74 -6.63
CA ALA A 57 9.15 9.97 -6.65
C ALA A 57 8.94 10.58 -5.27
N HIS A 58 8.80 11.89 -5.26
CA HIS A 58 8.23 12.58 -4.10
C HIS A 58 7.04 13.42 -4.54
N ASN A 59 7.30 14.52 -5.23
CA ASN A 59 6.24 15.26 -5.89
C ASN A 59 5.99 14.61 -7.24
N ILE A 60 4.85 13.92 -7.37
CA ILE A 60 4.59 13.10 -8.55
C ILE A 60 4.24 13.92 -9.79
N THR A 61 4.12 15.24 -9.64
CA THR A 61 3.86 16.11 -10.79
C THR A 61 5.15 16.73 -11.33
N GLU A 62 6.26 16.49 -10.63
CA GLU A 62 7.52 17.15 -10.95
C GLU A 62 8.59 16.11 -11.26
N GLU A 63 8.82 15.86 -12.54
CA GLU A 63 9.81 14.88 -12.99
C GLU A 63 11.20 15.27 -12.51
N GLU A 64 11.97 14.26 -12.11
CA GLU A 64 13.33 14.49 -11.64
C GLU A 64 14.21 13.30 -11.91
N ASP A 65 15.52 13.48 -11.76
CA ASP A 65 16.45 12.42 -12.10
C ASP A 65 16.29 11.14 -11.26
N THR A 66 15.72 11.27 -10.06
CA THR A 66 15.48 10.09 -9.21
C THR A 66 14.38 9.18 -9.78
N TRP A 67 13.56 9.70 -10.68
CA TRP A 67 12.44 8.89 -11.20
C TRP A 67 12.93 7.70 -12.00
N GLN A 68 12.32 6.55 -11.75
CA GLN A 68 12.42 5.41 -12.64
C GLN A 68 10.99 4.97 -12.96
N LYS A 69 10.58 5.16 -14.20
CA LYS A 69 9.26 4.75 -14.66
C LYS A 69 9.41 3.40 -15.31
N LEU A 70 8.77 2.38 -14.74
CA LEU A 70 9.03 1.03 -15.14
C LEU A 70 7.77 0.30 -15.58
N GLU A 71 7.89 -0.42 -16.69
CA GLU A 71 6.84 -1.26 -17.19
C GLU A 71 6.63 -2.49 -16.31
N VAL A 72 5.37 -2.87 -16.14
CA VAL A 72 5.03 -4.12 -15.47
C VAL A 72 4.71 -5.15 -16.54
N ILE A 73 5.44 -6.27 -16.51
N ILE A 73 5.37 -6.30 -16.55
CA ILE A 73 5.22 -7.33 -17.50
CA ILE A 73 5.02 -7.29 -17.56
C ILE A 73 4.02 -8.23 -17.18
C ILE A 73 3.88 -8.19 -17.19
N LYS A 74 3.79 -8.51 -15.90
CA LYS A 74 2.78 -9.44 -15.45
C LYS A 74 2.26 -9.05 -14.07
N GLN A 75 0.96 -9.17 -13.90
CA GLN A 75 0.32 -9.00 -12.61
C GLN A 75 0.00 -10.37 -12.01
N PHE A 76 0.35 -10.56 -10.73
CA PHE A 76 0.01 -11.76 -9.99
C PHE A 76 -0.98 -11.42 -8.86
N ARG A 77 -2.26 -11.36 -9.20
CA ARG A 77 -3.29 -11.07 -8.21
C ARG A 77 -3.56 -12.35 -7.46
N HIS A 78 -3.75 -12.25 -6.14
CA HIS A 78 -4.00 -13.43 -5.34
C HIS A 78 -5.20 -14.16 -5.93
N PRO A 79 -5.07 -15.49 -6.12
CA PRO A 79 -6.11 -16.23 -6.84
C PRO A 79 -7.42 -16.29 -6.07
N LYS A 80 -7.37 -16.04 -4.77
CA LYS A 80 -8.57 -16.11 -3.94
C LYS A 80 -9.16 -14.75 -3.62
N TYR A 81 -8.59 -13.67 -4.16
CA TYR A 81 -9.13 -12.33 -3.89
C TYR A 81 -10.62 -12.31 -4.20
N ASN A 82 -11.39 -11.83 -3.23
CA ASN A 82 -12.85 -11.95 -3.27
C ASN A 82 -13.49 -10.57 -3.25
N THR A 83 -14.26 -10.25 -4.29
CA THR A 83 -14.83 -8.91 -4.41
C THR A 83 -16.02 -8.69 -3.46
N SER A 84 -16.52 -9.77 -2.88
CA SER A 84 -17.61 -9.68 -1.90
C SER A 84 -17.09 -9.48 -0.47
N THR A 85 -16.16 -10.33 -0.03
CA THR A 85 -15.66 -10.27 1.33
C THR A 85 -14.43 -9.37 1.45
N LEU A 86 -13.77 -9.14 0.33
CA LEU A 86 -12.51 -8.36 0.25
C LEU A 86 -11.30 -9.11 0.84
N HIS A 87 -11.47 -10.39 1.13
CA HIS A 87 -10.38 -11.23 1.62
C HIS A 87 -9.28 -11.36 0.56
N HIS A 88 -8.04 -11.48 1.03
CA HIS A 88 -6.87 -11.79 0.20
C HIS A 88 -6.53 -10.68 -0.78
N ASP A 89 -6.58 -9.45 -0.28
CA ASP A 89 -6.38 -8.26 -1.09
C ASP A 89 -4.88 -7.98 -1.24
N ILE A 90 -4.22 -8.81 -2.06
CA ILE A 90 -2.78 -8.71 -2.22
C ILE A 90 -2.41 -9.10 -3.65
N MET A 91 -1.37 -8.44 -4.19
CA MET A 91 -0.96 -8.65 -5.57
C MET A 91 0.53 -8.37 -5.71
N LEU A 92 1.22 -9.20 -6.47
CA LEU A 92 2.61 -8.94 -6.84
C LEU A 92 2.67 -8.46 -8.28
N LEU A 93 3.50 -7.46 -8.53
CA LEU A 93 3.74 -6.99 -9.90
C LEU A 93 5.18 -7.30 -10.29
N LYS A 94 5.37 -8.00 -11.40
CA LYS A 94 6.72 -8.24 -11.89
C LYS A 94 7.10 -7.14 -12.88
N LEU A 95 8.20 -6.45 -12.59
CA LEU A 95 8.69 -5.41 -13.49
C LEU A 95 9.44 -6.02 -14.67
N LYS A 96 9.35 -5.35 -15.81
CA LYS A 96 9.98 -5.78 -17.05
C LYS A 96 11.49 -5.99 -16.88
N GLU A 97 12.13 -5.06 -16.18
CA GLU A 97 13.54 -5.18 -15.85
C GLU A 97 13.74 -4.85 -14.39
N LYS A 98 14.91 -5.20 -13.86
CA LYS A 98 15.23 -4.87 -12.48
C LYS A 98 15.51 -3.38 -12.35
N ALA A 99 14.93 -2.78 -11.33
CA ALA A 99 15.14 -1.37 -11.06
C ALA A 99 16.60 -1.11 -10.68
N SER A 100 17.03 0.13 -10.87
CA SER A 100 18.34 0.55 -10.41
C SER A 100 18.27 0.89 -8.93
N LEU A 101 19.32 0.52 -8.20
CA LEU A 101 19.44 0.91 -6.81
C LEU A 101 20.15 2.26 -6.75
N THR A 102 19.51 3.23 -6.10
CA THR A 102 20.04 4.57 -5.92
C THR A 102 19.75 5.01 -4.50
N LEU A 103 20.21 6.20 -4.12
CA LEU A 103 19.83 6.70 -2.81
C LEU A 103 18.30 6.78 -2.68
N ALA A 104 17.63 7.13 -3.79
CA ALA A 104 16.20 7.38 -3.76
C ALA A 104 15.35 6.13 -4.03
N VAL A 105 15.96 5.05 -4.46
CA VAL A 105 15.22 3.83 -4.79
C VAL A 105 15.94 2.62 -4.23
N GLY A 106 15.24 1.84 -3.40
CA GLY A 106 15.81 0.63 -2.86
C GLY A 106 14.69 -0.31 -2.43
N THR A 107 15.01 -1.56 -2.13
CA THR A 107 13.99 -2.50 -1.71
C THR A 107 13.76 -2.42 -0.21
N LEU A 108 12.57 -2.83 0.21
CA LEU A 108 12.28 -2.90 1.62
C LEU A 108 12.63 -4.30 2.09
N PRO A 109 13.58 -4.40 3.04
CA PRO A 109 13.98 -5.65 3.71
C PRO A 109 12.74 -6.47 4.04
N PHE A 110 12.64 -7.65 3.45
CA PHE A 110 11.38 -8.37 3.46
C PHE A 110 11.55 -9.88 3.51
N VAL A 117 3.49 -7.99 16.75
CA VAL A 117 3.21 -6.60 17.12
C VAL A 117 1.86 -6.52 17.84
N PRO A 118 1.89 -6.18 19.15
CA PRO A 118 0.65 -6.11 19.93
C PRO A 118 -0.16 -4.85 19.61
N PRO A 119 -1.48 -4.90 19.83
CA PRO A 119 -2.27 -3.66 19.73
C PRO A 119 -1.79 -2.64 20.74
N GLY A 120 -1.90 -1.36 20.41
CA GLY A 120 -1.33 -0.29 21.22
C GLY A 120 -0.06 0.20 20.54
N ARG A 121 0.56 -0.71 19.78
CA ARG A 121 1.75 -0.36 18.99
C ARG A 121 1.41 0.61 17.88
N MET A 122 2.36 1.49 17.58
N MET A 122 2.36 1.50 17.59
CA MET A 122 2.17 2.50 16.55
CA MET A 122 2.14 2.51 16.55
C MET A 122 2.90 2.11 15.28
C MET A 122 2.89 2.12 15.29
N CYS A 123 2.22 2.23 14.15
CA CYS A 123 2.80 1.89 12.87
C CYS A 123 2.62 3.08 11.94
N ARG A 124 3.34 3.09 10.84
CA ARG A 124 3.29 4.22 9.92
C ARG A 124 2.90 3.75 8.53
N VAL A 125 2.11 4.56 7.83
CA VAL A 125 1.76 4.25 6.44
C VAL A 125 1.92 5.51 5.58
N ALA A 126 2.44 5.32 4.37
CA ALA A 126 2.72 6.43 3.46
C ALA A 126 1.95 6.26 2.16
N GLY A 127 1.68 7.37 1.48
CA GLY A 127 0.98 7.32 0.21
C GLY A 127 0.72 8.67 -0.43
N TRP A 128 0.27 8.63 -1.68
CA TRP A 128 -0.10 9.82 -2.45
C TRP A 128 -1.60 9.99 -2.57
N GLY A 129 -2.36 9.27 -1.74
CA GLY A 129 -3.81 9.30 -1.86
C GLY A 129 -4.46 10.59 -1.36
N ARG A 130 -5.78 10.62 -1.36
N ARG A 130 -5.79 10.61 -1.37
CA ARG A 130 -6.53 11.80 -0.95
CA ARG A 130 -6.55 11.80 -0.93
C ARG A 130 -6.22 12.21 0.48
C ARG A 130 -6.19 12.21 0.48
N THR A 131 -6.16 13.52 0.71
CA THR A 131 -5.82 14.05 2.02
C THR A 131 -7.08 14.42 2.81
N GLY A 132 -8.24 14.09 2.24
CA GLY A 132 -9.52 14.26 2.90
C GLY A 132 -10.58 13.53 2.08
N VAL A 133 -11.75 13.29 2.65
CA VAL A 133 -12.80 12.54 1.94
C VAL A 133 -13.16 13.19 0.59
N LEU A 134 -13.17 14.51 0.57
CA LEU A 134 -13.56 15.25 -0.63
C LEU A 134 -12.40 15.98 -1.30
N LYS A 135 -11.18 15.67 -0.86
CA LYS A 135 -9.98 16.31 -1.40
C LYS A 135 -9.34 15.43 -2.46
N PRO A 136 -8.62 16.06 -3.42
CA PRO A 136 -7.97 15.26 -4.46
C PRO A 136 -6.74 14.55 -3.93
N GLY A 137 -6.19 13.65 -4.74
CA GLY A 137 -4.95 12.99 -4.37
C GLY A 137 -3.83 13.99 -4.16
N SER A 138 -2.90 13.63 -3.29
CA SER A 138 -1.77 14.49 -2.95
C SER A 138 -0.72 14.53 -4.06
N ASP A 139 -0.13 15.70 -4.29
CA ASP A 139 0.99 15.78 -5.23
C ASP A 139 2.24 15.15 -4.60
N THR A 140 2.30 15.16 -3.27
CA THR A 140 3.50 14.69 -2.56
C THR A 140 3.23 13.47 -1.68
N LEU A 141 4.29 12.71 -1.43
CA LEU A 141 4.20 11.56 -0.53
C LEU A 141 3.95 12.03 0.90
N GLN A 142 2.87 11.52 1.49
CA GLN A 142 2.49 11.85 2.86
C GLN A 142 2.62 10.61 3.73
N GLU A 143 2.80 10.79 5.04
CA GLU A 143 2.81 9.64 5.95
C GLU A 143 2.04 9.96 7.22
N VAL A 144 1.53 8.93 7.87
CA VAL A 144 0.78 9.10 9.11
C VAL A 144 1.05 7.94 10.05
N LYS A 145 1.04 8.22 11.35
CA LYS A 145 1.27 7.21 12.37
C LYS A 145 -0.09 6.76 12.89
N LEU A 146 -0.31 5.45 12.91
CA LEU A 146 -1.61 4.89 13.29
C LEU A 146 -1.45 3.82 14.37
N ARG A 147 -2.49 3.66 15.19
CA ARG A 147 -2.45 2.69 16.28
C ARG A 147 -2.99 1.35 15.84
N LEU A 148 -2.23 0.29 16.10
N LEU A 148 -2.22 0.28 16.08
CA LEU A 148 -2.70 -1.08 15.87
CA LEU A 148 -2.72 -1.07 15.86
C LEU A 148 -3.78 -1.39 16.92
C LEU A 148 -3.78 -1.37 16.91
N MET A 149 -4.96 -1.80 16.45
CA MET A 149 -6.10 -2.02 17.35
C MET A 149 -6.40 -3.50 17.57
N ASP A 150 -7.05 -3.81 18.70
CA ASP A 150 -7.59 -5.14 18.93
C ASP A 150 -8.64 -5.44 17.85
N PRO A 151 -8.83 -6.72 17.49
CA PRO A 151 -9.70 -7.01 16.34
C PRO A 151 -11.17 -6.62 16.56
N GLN A 152 -11.65 -6.61 17.80
CA GLN A 152 -13.03 -6.18 18.04
C GLN A 152 -13.29 -4.76 17.59
N ALA A 153 -12.25 -3.94 17.50
CA ALA A 153 -12.39 -2.57 16.98
C ALA A 153 -12.89 -2.52 15.54
N CYS A 154 -12.72 -3.62 14.81
CA CYS A 154 -13.11 -3.68 13.40
C CYS A 154 -14.28 -4.62 13.16
N SER A 155 -15.01 -4.96 14.23
CA SER A 155 -16.11 -5.92 14.12
C SER A 155 -17.20 -5.45 13.16
N HIS A 156 -17.38 -4.13 13.07
CA HIS A 156 -18.42 -3.56 12.20
C HIS A 156 -18.15 -3.77 10.72
N PHE A 157 -16.91 -4.09 10.38
CA PHE A 157 -16.62 -4.58 9.05
C PHE A 157 -16.95 -6.06 9.13
N ARG A 158 -18.11 -6.43 8.61
CA ARG A 158 -18.65 -7.76 8.91
C ARG A 158 -17.81 -8.90 8.33
N ASP A 159 -17.05 -8.63 7.26
CA ASP A 159 -16.16 -9.64 6.71
C ASP A 159 -14.69 -9.51 7.16
N PHE A 160 -14.45 -8.67 8.16
CA PHE A 160 -13.11 -8.60 8.75
C PHE A 160 -12.76 -9.92 9.42
N ASP A 161 -11.49 -10.34 9.26
CA ASP A 161 -11.02 -11.60 9.84
C ASP A 161 -9.64 -11.34 10.46
N HIS A 162 -9.53 -11.55 11.78
CA HIS A 162 -8.32 -11.27 12.55
C HIS A 162 -7.10 -12.07 12.06
N ASN A 163 -7.34 -13.27 11.55
N ASN A 163 -7.34 -13.27 11.55
CA ASN A 163 -6.26 -14.09 11.03
CA ASN A 163 -6.26 -14.09 11.02
C ASN A 163 -5.69 -13.53 9.74
C ASN A 163 -5.68 -13.50 9.75
N LEU A 164 -6.55 -12.89 8.95
CA LEU A 164 -6.16 -12.42 7.61
C LEU A 164 -5.77 -10.94 7.54
N GLN A 165 -6.21 -10.17 8.53
CA GLN A 165 -6.17 -8.72 8.44
C GLN A 165 -5.78 -8.06 9.75
N LEU A 166 -5.23 -6.84 9.64
CA LEU A 166 -4.98 -5.97 10.79
C LEU A 166 -6.07 -4.91 10.89
N CYS A 167 -6.37 -4.51 12.12
CA CYS A 167 -7.32 -3.45 12.41
C CYS A 167 -6.51 -2.24 12.86
N VAL A 168 -6.64 -1.12 12.13
CA VAL A 168 -5.65 -0.04 12.25
C VAL A 168 -6.27 1.36 12.33
N GLY A 169 -5.94 2.08 13.39
CA GLY A 169 -6.38 3.46 13.55
C GLY A 169 -7.29 3.68 14.74
N ASN A 170 -6.85 4.52 15.68
CA ASN A 170 -7.66 4.92 16.82
C ASN A 170 -8.89 5.70 16.35
N PRO A 171 -10.10 5.23 16.71
CA PRO A 171 -11.32 5.93 16.26
C PRO A 171 -11.44 7.37 16.79
N ARG A 172 -10.71 7.70 17.85
CA ARG A 172 -10.73 9.06 18.42
C ARG A 172 -9.80 10.04 17.70
N LYS A 173 -9.08 9.56 16.69
CA LYS A 173 -8.23 10.42 15.88
C LYS A 173 -8.77 10.38 14.45
N THR A 174 -8.49 11.41 13.66
CA THR A 174 -9.01 11.45 12.28
C THR A 174 -8.03 10.82 11.29
N LYS A 175 -6.86 10.45 11.79
CA LYS A 175 -5.76 9.93 10.97
C LYS A 175 -6.12 8.61 10.29
N SER A 176 -5.81 8.49 8.99
CA SER A 176 -6.22 7.33 8.22
C SER A 176 -5.55 7.32 6.85
N ALA A 177 -5.35 6.14 6.28
CA ALA A 177 -5.09 6.07 4.85
C ALA A 177 -6.44 6.21 4.14
N PHE A 178 -6.44 6.50 2.84
CA PHE A 178 -7.70 6.65 2.13
C PHE A 178 -7.54 6.26 0.66
N LYS A 179 -8.51 6.62 -0.17
CA LYS A 179 -8.47 6.39 -1.61
C LYS A 179 -7.15 6.83 -2.20
N GLY A 180 -6.55 5.96 -3.02
CA GLY A 180 -5.26 6.25 -3.62
C GLY A 180 -4.08 5.75 -2.83
N ASP A 181 -4.31 5.42 -1.55
CA ASP A 181 -3.24 4.88 -0.71
C ASP A 181 -3.21 3.35 -0.74
N SER A 182 -4.25 2.74 -1.30
CA SER A 182 -4.34 1.28 -1.48
C SER A 182 -3.02 0.70 -1.93
N GLY A 183 -2.60 -0.39 -1.30
CA GLY A 183 -1.40 -1.08 -1.75
C GLY A 183 -0.11 -0.66 -1.04
N GLY A 184 -0.16 0.46 -0.33
CA GLY A 184 1.01 0.92 0.39
C GLY A 184 1.27 0.10 1.63
N PRO A 185 2.53 0.04 2.09
CA PRO A 185 2.87 -0.74 3.27
C PRO A 185 2.57 -0.01 4.58
N LEU A 186 2.17 -0.79 5.58
CA LEU A 186 2.10 -0.30 6.94
C LEU A 186 3.31 -0.87 7.65
N LEU A 187 4.19 -0.01 8.14
CA LEU A 187 5.43 -0.47 8.77
C LEU A 187 5.34 -0.30 10.27
N CYS A 188 5.73 -1.34 11.01
CA CYS A 188 5.81 -1.26 12.46
C CYS A 188 7.26 -1.56 12.82
N ALA A 189 7.92 -0.59 13.47
CA ALA A 189 9.35 -0.67 13.75
C ALA A 189 10.17 -0.95 12.49
N GLY A 190 9.82 -0.27 11.40
CA GLY A 190 10.59 -0.37 10.16
C GLY A 190 10.33 -1.60 9.32
N ALA A 191 9.44 -2.48 9.78
CA ALA A 191 9.14 -3.69 9.03
C ALA A 191 7.69 -3.70 8.55
N ALA A 192 7.50 -4.06 7.29
CA ALA A 192 6.15 -4.12 6.71
C ALA A 192 5.31 -5.23 7.33
N GLN A 193 4.17 -4.83 7.90
CA GLN A 193 3.27 -5.76 8.57
C GLN A 193 1.94 -5.82 7.85
N GLY A 194 1.58 -4.72 7.20
CA GLY A 194 0.28 -4.64 6.54
C GLY A 194 0.32 -4.00 5.17
N ILE A 195 -0.79 -4.14 4.44
CA ILE A 195 -0.98 -3.45 3.16
C ILE A 195 -2.33 -2.74 3.21
N VAL A 196 -2.36 -1.46 2.82
CA VAL A 196 -3.61 -0.71 2.79
C VAL A 196 -4.60 -1.44 1.93
N SER A 197 -5.80 -1.66 2.50
CA SER A 197 -6.85 -2.37 1.78
C SER A 197 -8.16 -1.59 1.69
N TYR A 198 -8.93 -1.51 2.77
CA TYR A 198 -10.21 -0.80 2.72
C TYR A 198 -10.61 -0.18 4.05
N GLY A 199 -11.61 0.68 4.00
CA GLY A 199 -12.17 1.30 5.20
C GLY A 199 -13.51 1.91 4.88
N ARG A 200 -14.05 2.67 5.83
CA ARG A 200 -15.32 3.37 5.61
C ARG A 200 -15.17 4.49 4.60
N SER A 201 -16.25 4.74 3.87
CA SER A 201 -16.27 5.80 2.88
C SER A 201 -16.15 7.19 3.51
N ASP A 202 -16.46 7.31 4.80
CA ASP A 202 -16.28 8.58 5.49
C ASP A 202 -14.95 8.69 6.23
N ALA A 203 -14.07 7.71 6.03
CA ALA A 203 -12.72 7.68 6.61
C ALA A 203 -12.62 7.62 8.13
N LYS A 204 -13.73 7.33 8.81
CA LYS A 204 -13.69 7.20 10.27
C LYS A 204 -12.94 5.93 10.62
N PRO A 205 -11.84 6.07 11.39
CA PRO A 205 -11.03 4.89 11.73
C PRO A 205 -11.78 3.99 12.72
N PRO A 206 -11.36 2.73 12.82
CA PRO A 206 -10.21 2.10 12.16
C PRO A 206 -10.47 1.65 10.73
N ALA A 207 -9.40 1.23 10.05
CA ALA A 207 -9.51 0.66 8.72
C ALA A 207 -8.89 -0.72 8.71
N VAL A 208 -9.05 -1.41 7.58
CA VAL A 208 -8.63 -2.80 7.48
C VAL A 208 -7.45 -2.94 6.54
N PHE A 209 -6.39 -3.57 7.03
CA PHE A 209 -5.16 -3.79 6.26
C PHE A 209 -4.94 -5.28 6.08
N THR A 210 -4.36 -5.69 4.94
CA THR A 210 -3.98 -7.08 4.74
C THR A 210 -2.85 -7.42 5.69
N ARG A 211 -2.95 -8.57 6.38
CA ARG A 211 -1.88 -9.03 7.28
C ARG A 211 -0.85 -9.79 6.46
N ILE A 212 0.29 -9.17 6.21
CA ILE A 212 1.27 -9.73 5.29
C ILE A 212 1.74 -11.14 5.68
N SER A 213 1.91 -11.37 6.99
CA SER A 213 2.46 -12.63 7.47
C SER A 213 1.67 -13.84 7.00
N HIS A 214 0.35 -13.69 6.88
CA HIS A 214 -0.49 -14.78 6.40
C HIS A 214 -0.17 -15.18 4.98
N TYR A 215 0.29 -14.20 4.18
CA TYR A 215 0.50 -14.40 2.76
C TYR A 215 1.95 -14.65 2.39
N GLN A 216 2.82 -14.72 3.38
CA GLN A 216 4.24 -14.93 3.11
C GLN A 216 4.54 -16.19 2.28
N PRO A 217 3.88 -17.32 2.58
CA PRO A 217 4.17 -18.48 1.73
C PRO A 217 3.76 -18.27 0.27
N TRP A 218 2.62 -17.62 0.04
CA TRP A 218 2.18 -17.31 -1.33
C TRP A 218 3.17 -16.37 -2.02
N ILE A 219 3.60 -15.34 -1.30
CA ILE A 219 4.59 -14.41 -1.85
C ILE A 219 5.87 -15.13 -2.26
N ASN A 220 6.41 -15.93 -1.33
CA ASN A 220 7.64 -16.67 -1.62
C ASN A 220 7.50 -17.59 -2.83
N GLN A 221 6.34 -18.24 -2.94
CA GLN A 221 6.06 -19.14 -4.06
C GLN A 221 6.09 -18.41 -5.41
N ILE A 222 5.48 -17.22 -5.46
CA ILE A 222 5.51 -16.41 -6.67
C ILE A 222 6.93 -15.94 -6.97
N LEU A 223 7.66 -15.54 -5.94
CA LEU A 223 9.03 -15.02 -6.12
C LEU A 223 9.97 -16.09 -6.64
N GLN A 224 9.58 -17.35 -6.51
CA GLN A 224 10.41 -18.48 -6.95
C GLN A 224 10.00 -19.05 -8.30
N ALA A 225 8.73 -18.95 -8.65
CA ALA A 225 8.24 -19.46 -9.93
C ALA A 225 8.45 -18.46 -11.06
N ASN A 226 8.89 -17.26 -10.71
CA ASN A 226 8.99 -16.17 -11.68
C ASN A 226 10.28 -15.35 -11.54
#